data_9D2O
#
_entry.id   9D2O
#
_cell.length_a   97.544
_cell.length_b   97.544
_cell.length_c   69.250
_cell.angle_alpha   90.000
_cell.angle_beta   90.000
_cell.angle_gamma   120.000
#
_symmetry.space_group_name_H-M   'P 31 2 1'
#
loop_
_entity.id
_entity.type
_entity.pdbx_description
1 polymer 'Pantothenate kinase 3'
2 non-polymer N-(4-{2-[4-(6-chloropyridazin-3-yl)piperazin-1-yl]-2-oxoethyl}-3-fluorophenyl)ethanesulfonamide
3 non-polymer 'ACETIC ACID'
4 non-polymer 'PHOSPHOAMINOPHOSPHONIC ACID-ADENYLATE ESTER'
5 non-polymer 'MAGNESIUM ION'
6 non-polymer 1,2-ETHANEDIOL
7 water water
#
_entity_poly.entity_id   1
_entity_poly.type   'polypeptide(L)'
_entity_poly.pdbx_seq_one_letter_code
;MGSSHHHHHHSSGLVPRGSPWFGMDIGGTLVKLSYFEPIDITAEEEQEEVESLKSIRKYLTSNVAYGSTGIRDVHLELKD
LTLFGRRGNLHFIRFPTQDLPTFIQMGRDKNFSTLQTVLCATGGGAYKFEKDFRTIGNLHLHKLDELDCLVKGLLYIDSV
SFNGQAECYYFANASEPERCQKMPFNLDDPYPLLVVNIGSGVSILAVHSKDNYKRVTGTSLGGGTFLGLCSLLTGCESFE
EALEMASKGDSTQADKLVRDIYGGDYERFGLPGWAVASSFGNMIYKEKRESVSKEDLARATLVTITNNIGSVARMCAVNE
KINRVVFVGNFLRVNTLSMKLLAYALDYWSKGQLKALFLEHEGYFGAVGALLGLPNFSDD
;
_entity_poly.pdbx_strand_id   A
#
loop_
_chem_comp.id
_chem_comp.type
_chem_comp.name
_chem_comp.formula
A1A1N non-polymer N-(4-{2-[4-(6-chloropyridazin-3-yl)piperazin-1-yl]-2-oxoethyl}-3-fluorophenyl)ethanesulfonamide 'C18 H21 Cl F N5 O3 S'
ACY non-polymer 'ACETIC ACID' 'C2 H4 O2'
ANP non-polymer 'PHOSPHOAMINOPHOSPHONIC ACID-ADENYLATE ESTER' 'C10 H17 N6 O12 P3'
EDO non-polymer 1,2-ETHANEDIOL 'C2 H6 O2'
MG non-polymer 'MAGNESIUM ION' 'Mg 2'
#
# COMPACT_ATOMS: atom_id res chain seq x y z
N SER A 19 -4.48 -27.93 -6.70
CA SER A 19 -4.87 -26.87 -5.79
C SER A 19 -5.08 -25.56 -6.54
N PRO A 20 -5.94 -24.68 -6.01
CA PRO A 20 -6.00 -23.32 -6.55
C PRO A 20 -4.73 -22.55 -6.22
N TRP A 21 -4.32 -21.69 -7.15
CA TRP A 21 -3.08 -20.94 -7.02
C TRP A 21 -3.37 -19.63 -6.29
N PHE A 22 -2.85 -19.52 -5.06
CA PHE A 22 -3.13 -18.37 -4.16
C PHE A 22 -1.84 -17.77 -3.61
N GLY A 23 -1.81 -16.44 -3.46
CA GLY A 23 -0.66 -15.77 -2.82
C GLY A 23 -1.18 -14.92 -1.68
N MET A 24 -0.65 -15.06 -0.45
CA MET A 24 -1.22 -14.33 0.68
C MET A 24 -0.14 -13.52 1.39
N ASP A 25 -0.49 -12.29 1.76
CA ASP A 25 0.38 -11.42 2.56
C ASP A 25 -0.46 -11.01 3.77
N ILE A 26 -0.12 -11.57 4.93
CA ILE A 26 -0.86 -11.30 6.17
C ILE A 26 -0.13 -10.20 6.91
N GLY A 27 -0.65 -8.98 6.79
CA GLY A 27 -0.07 -7.84 7.48
C GLY A 27 -0.65 -7.60 8.86
N GLY A 28 -0.12 -6.54 9.52
CA GLY A 28 -0.62 -6.17 10.83
C GLY A 28 -2.07 -5.71 10.81
N THR A 29 -2.54 -5.17 9.67
CA THR A 29 -3.89 -4.62 9.56
C THR A 29 -4.74 -5.36 8.53
N LEU A 30 -4.18 -5.62 7.35
CA LEU A 30 -4.93 -6.21 6.24
C LEU A 30 -4.26 -7.47 5.74
N VAL A 31 -5.09 -8.43 5.32
CA VAL A 31 -4.68 -9.61 4.57
C VAL A 31 -4.92 -9.32 3.11
N LYS A 32 -3.91 -9.55 2.29
CA LYS A 32 -4.03 -9.36 0.85
C LYS A 32 -3.87 -10.72 0.20
N LEU A 33 -4.73 -11.02 -0.75
CA LEU A 33 -4.76 -12.32 -1.40
C LEU A 33 -4.71 -12.11 -2.90
N SER A 34 -3.77 -12.78 -3.60
CA SER A 34 -3.81 -12.79 -5.06
C SER A 34 -4.24 -14.17 -5.49
N TYR A 35 -5.17 -14.24 -6.44
CA TYR A 35 -5.74 -15.51 -6.83
C TYR A 35 -5.71 -15.60 -8.35
N PHE A 36 -5.14 -16.68 -8.89
CA PHE A 36 -5.06 -16.89 -10.35
C PHE A 36 -6.20 -17.81 -10.75
N GLU A 37 -7.12 -17.28 -11.56
CA GLU A 37 -8.26 -18.02 -12.06
C GLU A 37 -7.94 -18.53 -13.45
N PRO A 38 -7.73 -19.84 -13.67
CA PRO A 38 -7.47 -20.32 -15.03
C PRO A 38 -8.69 -20.10 -15.92
N ILE A 39 -8.43 -19.72 -17.17
CA ILE A 39 -9.49 -19.52 -18.15
C ILE A 39 -9.30 -20.40 -19.37
N ASP A 40 -8.33 -21.31 -19.33
CA ASP A 40 -8.11 -22.27 -20.41
C ASP A 40 -8.45 -23.69 -19.95
N ILE A 41 -9.46 -23.82 -19.09
CA ILE A 41 -9.88 -25.13 -18.61
C ILE A 41 -10.44 -25.94 -19.77
N THR A 42 -9.91 -27.13 -19.97
CA THR A 42 -10.39 -28.02 -21.02
C THR A 42 -11.65 -28.75 -20.58
N ALA A 43 -12.25 -29.51 -21.50
CA ALA A 43 -13.40 -30.35 -21.16
C ALA A 43 -13.01 -31.42 -20.14
N GLU A 44 -11.86 -32.07 -20.34
CA GLU A 44 -11.43 -33.11 -19.42
C GLU A 44 -11.01 -32.52 -18.07
N GLU A 45 -10.36 -31.34 -18.10
CA GLU A 45 -9.95 -30.71 -16.85
C GLU A 45 -11.17 -30.33 -16.00
N GLU A 46 -12.23 -29.84 -16.64
CA GLU A 46 -13.42 -29.45 -15.88
C GLU A 46 -14.07 -30.66 -15.22
N GLN A 47 -14.08 -31.82 -15.89
CA GLN A 47 -14.55 -33.05 -15.26
C GLN A 47 -13.75 -33.36 -13.98
N GLU A 48 -12.44 -33.54 -14.12
CA GLU A 48 -11.57 -33.89 -12.99
C GLU A 48 -11.59 -32.84 -11.87
N GLU A 49 -12.28 -31.72 -12.06
CA GLU A 49 -12.44 -30.74 -10.99
C GLU A 49 -13.43 -31.24 -9.96
N VAL A 50 -13.11 -31.03 -8.69
CA VAL A 50 -13.97 -31.46 -7.59
C VAL A 50 -14.94 -30.33 -7.23
N GLU A 51 -16.07 -30.70 -6.64
CA GLU A 51 -17.13 -29.74 -6.38
C GLU A 51 -16.66 -28.56 -5.53
N SER A 52 -15.91 -28.82 -4.45
CA SER A 52 -15.51 -27.74 -3.56
C SER A 52 -14.58 -26.75 -4.27
N LEU A 53 -13.74 -27.25 -5.19
CA LEU A 53 -12.93 -26.33 -5.99
C LEU A 53 -13.80 -25.51 -6.92
N LYS A 54 -14.79 -26.15 -7.56
CA LYS A 54 -15.75 -25.41 -8.37
C LYS A 54 -16.49 -24.39 -7.53
N SER A 55 -16.88 -24.76 -6.31
CA SER A 55 -17.57 -23.82 -5.43
C SER A 55 -16.68 -22.65 -5.04
N ILE A 56 -15.39 -22.91 -4.81
CA ILE A 56 -14.45 -21.83 -4.49
C ILE A 56 -14.30 -20.88 -5.67
N ARG A 57 -14.06 -21.43 -6.86
CA ARG A 57 -13.85 -20.57 -8.02
C ARG A 57 -15.10 -19.74 -8.30
N LYS A 58 -16.27 -20.38 -8.27
CA LYS A 58 -17.52 -19.67 -8.55
C LYS A 58 -17.80 -18.61 -7.48
N TYR A 59 -17.54 -18.94 -6.21
CA TYR A 59 -17.80 -17.99 -5.13
C TYR A 59 -16.91 -16.76 -5.27
N LEU A 60 -15.66 -16.97 -5.64
CA LEU A 60 -14.73 -15.86 -5.74
C LEU A 60 -14.99 -15.01 -6.98
N THR A 61 -15.39 -15.64 -8.10
CA THR A 61 -15.57 -14.89 -9.34
C THR A 61 -16.98 -14.32 -9.52
N SER A 62 -17.97 -14.78 -8.76
CA SER A 62 -19.33 -14.26 -8.89
C SER A 62 -19.70 -13.26 -7.81
N ASN A 63 -18.81 -13.00 -6.85
CA ASN A 63 -19.06 -12.03 -5.79
C ASN A 63 -17.93 -11.01 -5.74
N VAL A 64 -18.30 -9.77 -5.40
CA VAL A 64 -17.34 -8.69 -5.23
C VAL A 64 -17.12 -8.36 -3.75
N ALA A 65 -18.09 -8.61 -2.89
CA ALA A 65 -17.91 -8.56 -1.45
C ALA A 65 -17.99 -9.98 -0.92
N TYR A 66 -17.16 -10.31 0.07
CA TYR A 66 -17.14 -11.64 0.67
C TYR A 66 -17.48 -11.52 2.15
N GLY A 67 -18.59 -12.12 2.56
CA GLY A 67 -18.95 -11.84 3.94
C GLY A 67 -19.16 -10.37 4.18
N SER A 68 -18.90 -9.93 5.41
CA SER A 68 -19.07 -8.53 5.75
C SER A 68 -17.83 -7.66 5.56
N THR A 69 -16.62 -8.23 5.45
CA THR A 69 -15.43 -7.39 5.38
C THR A 69 -14.46 -7.71 4.25
N GLY A 70 -14.74 -8.72 3.42
CA GLY A 70 -13.85 -9.03 2.31
C GLY A 70 -14.28 -8.29 1.06
N ILE A 71 -13.29 -7.85 0.28
CA ILE A 71 -13.52 -7.06 -0.93
C ILE A 71 -12.62 -7.59 -2.04
N ARG A 72 -13.16 -7.76 -3.24
CA ARG A 72 -12.35 -7.98 -4.43
C ARG A 72 -12.19 -6.66 -5.17
N ASP A 73 -10.94 -6.25 -5.40
CA ASP A 73 -10.65 -5.00 -6.11
C ASP A 73 -10.71 -5.29 -7.61
N VAL A 74 -11.92 -5.25 -8.17
CA VAL A 74 -12.14 -5.72 -9.54
C VAL A 74 -11.37 -4.90 -10.58
N HIS A 75 -11.22 -3.60 -10.33
CA HIS A 75 -10.54 -2.72 -11.27
C HIS A 75 -9.06 -3.07 -11.44
N LEU A 76 -8.47 -3.77 -10.48
CA LEU A 76 -7.06 -4.16 -10.54
C LEU A 76 -6.81 -5.48 -11.27
N GLU A 77 -7.87 -6.22 -11.63
CA GLU A 77 -7.71 -7.55 -12.22
C GLU A 77 -6.83 -7.49 -13.46
N LEU A 78 -5.87 -8.42 -13.55
CA LEU A 78 -5.09 -8.60 -14.77
C LEU A 78 -5.73 -9.70 -15.60
N LYS A 79 -6.13 -9.37 -16.82
CA LYS A 79 -6.88 -10.30 -17.66
C LYS A 79 -5.98 -11.00 -18.65
N ASP A 80 -6.18 -12.31 -18.80
CA ASP A 80 -5.51 -13.12 -19.82
C ASP A 80 -4.00 -13.06 -19.62
N LEU A 81 -3.59 -13.22 -18.37
CA LEU A 81 -2.19 -13.37 -18.01
C LEU A 81 -1.75 -14.81 -18.26
N THR A 82 -0.52 -14.98 -18.74
CA THR A 82 0.10 -16.29 -18.85
C THR A 82 1.01 -16.47 -17.64
N LEU A 83 0.70 -17.46 -16.80
CA LEU A 83 1.44 -17.71 -15.58
C LEU A 83 1.58 -19.22 -15.37
N PHE A 84 2.81 -19.68 -15.18
CA PHE A 84 3.08 -21.11 -14.94
C PHE A 84 2.51 -21.98 -16.06
N GLY A 85 2.64 -21.51 -17.29
CA GLY A 85 2.20 -22.28 -18.44
C GLY A 85 0.71 -22.28 -18.69
N ARG A 86 -0.06 -21.45 -17.99
CA ARG A 86 -1.52 -21.40 -18.13
C ARG A 86 -1.99 -19.97 -18.33
N ARG A 87 -3.12 -19.81 -19.03
CA ARG A 87 -3.75 -18.51 -19.17
C ARG A 87 -4.84 -18.35 -18.11
N GLY A 88 -4.93 -17.17 -17.54
CA GLY A 88 -5.93 -16.93 -16.51
C GLY A 88 -6.04 -15.46 -16.20
N ASN A 89 -6.92 -15.17 -15.25
CA ASN A 89 -7.08 -13.82 -14.72
C ASN A 89 -6.46 -13.77 -13.33
N LEU A 90 -5.73 -12.70 -13.05
CA LEU A 90 -5.18 -12.51 -11.71
C LEU A 90 -6.07 -11.56 -10.91
N HIS A 91 -6.61 -12.04 -9.78
CA HIS A 91 -7.51 -11.29 -8.92
C HIS A 91 -6.81 -10.83 -7.65
N PHE A 92 -7.32 -9.72 -7.10
CA PHE A 92 -6.75 -9.03 -5.94
C PHE A 92 -7.85 -8.81 -4.90
N ILE A 93 -7.67 -9.40 -3.70
CA ILE A 93 -8.74 -9.50 -2.70
C ILE A 93 -8.13 -9.09 -1.37
N ARG A 94 -8.91 -8.37 -0.55
CA ARG A 94 -8.40 -7.93 0.75
C ARG A 94 -9.45 -8.06 1.83
N PHE A 95 -8.99 -8.27 3.06
CA PHE A 95 -9.89 -8.31 4.20
C PHE A 95 -9.06 -8.03 5.45
N PRO A 96 -9.71 -7.66 6.57
CA PRO A 96 -8.93 -7.29 7.77
C PRO A 96 -8.29 -8.50 8.43
N THR A 97 -7.06 -8.33 8.88
CA THR A 97 -6.38 -9.40 9.60
C THR A 97 -7.17 -9.84 10.82
N GLN A 98 -7.92 -8.92 11.45
CA GLN A 98 -8.81 -9.27 12.55
C GLN A 98 -9.81 -10.37 12.17
N ASP A 99 -10.17 -10.47 10.88
CA ASP A 99 -11.12 -11.48 10.44
C ASP A 99 -10.45 -12.73 9.89
N LEU A 100 -9.15 -12.87 10.04
CA LEU A 100 -8.51 -14.10 9.58
C LEU A 100 -9.09 -15.35 10.25
N PRO A 101 -9.54 -15.32 11.52
CA PRO A 101 -10.25 -16.50 12.05
C PRO A 101 -11.42 -16.96 11.21
N THR A 102 -12.24 -16.04 10.70
CA THR A 102 -13.34 -16.44 9.82
C THR A 102 -12.82 -17.08 8.53
N PHE A 103 -11.78 -16.50 7.94
CA PHE A 103 -11.17 -17.08 6.74
C PHE A 103 -10.71 -18.50 6.99
N ILE A 104 -10.05 -18.73 8.12
CA ILE A 104 -9.53 -20.07 8.41
C ILE A 104 -10.67 -21.03 8.71
N GLN A 105 -11.70 -20.55 9.42
CA GLN A 105 -12.86 -21.40 9.70
C GLN A 105 -13.60 -21.78 8.41
N MET A 106 -13.68 -20.86 7.46
CA MET A 106 -14.27 -21.24 6.18
C MET A 106 -13.41 -22.25 5.44
N GLY A 107 -12.09 -22.14 5.56
CA GLY A 107 -11.21 -23.17 5.01
C GLY A 107 -11.48 -24.53 5.62
N ARG A 108 -11.64 -24.58 6.94
CA ARG A 108 -11.85 -25.88 7.59
C ARG A 108 -13.20 -26.51 7.26
N ASP A 109 -14.19 -25.71 6.90
CA ASP A 109 -15.52 -26.21 6.61
C ASP A 109 -15.71 -26.60 5.14
N LYS A 110 -14.66 -26.54 4.33
CA LYS A 110 -14.77 -26.81 2.91
C LYS A 110 -13.77 -27.90 2.50
N THR A 117 -3.08 -28.79 -0.69
CA THR A 117 -3.15 -27.35 -0.61
C THR A 117 -1.82 -26.78 -0.11
N VAL A 118 -1.09 -26.14 -1.02
CA VAL A 118 0.15 -25.43 -0.68
C VAL A 118 -0.20 -23.97 -0.58
N LEU A 119 0.11 -23.34 0.54
CA LEU A 119 -0.18 -21.92 0.71
C LEU A 119 1.13 -21.19 0.85
N CYS A 120 1.47 -20.38 -0.14
CA CYS A 120 2.63 -19.51 -0.05
C CYS A 120 2.18 -18.22 0.62
N ALA A 121 2.82 -17.88 1.75
CA ALA A 121 2.37 -16.74 2.54
C ALA A 121 3.54 -15.92 3.03
N THR A 122 3.32 -14.62 3.14
CA THR A 122 4.34 -13.70 3.62
C THR A 122 3.67 -12.72 4.57
N GLY A 123 4.41 -11.70 4.99
CA GLY A 123 3.99 -10.80 6.03
C GLY A 123 4.21 -11.39 7.42
N GLY A 124 4.14 -10.51 8.42
CA GLY A 124 4.30 -10.96 9.80
C GLY A 124 3.32 -12.04 10.20
N GLY A 125 2.10 -12.00 9.66
CA GLY A 125 1.12 -13.00 10.02
C GLY A 125 1.41 -14.40 9.52
N ALA A 126 2.25 -14.53 8.49
CA ALA A 126 2.67 -15.87 8.08
C ALA A 126 3.39 -16.59 9.21
N TYR A 127 4.12 -15.84 10.06
CA TYR A 127 4.75 -16.42 11.25
C TYR A 127 3.79 -16.48 12.42
N LYS A 128 3.11 -15.38 12.69
CA LYS A 128 2.25 -15.32 13.88
C LYS A 128 1.15 -16.37 13.82
N PHE A 129 0.55 -16.58 12.64
CA PHE A 129 -0.61 -17.46 12.51
C PHE A 129 -0.27 -18.78 11.83
N GLU A 130 1.01 -19.15 11.81
CA GLU A 130 1.42 -20.41 11.20
C GLU A 130 0.62 -21.60 11.74
N LYS A 131 0.56 -21.75 13.08
CA LYS A 131 -0.15 -22.87 13.67
C LYS A 131 -1.63 -22.85 13.33
N ASP A 132 -2.19 -21.65 13.14
CA ASP A 132 -3.61 -21.56 12.82
C ASP A 132 -3.88 -22.10 11.42
N PHE A 133 -3.05 -21.71 10.46
CA PHE A 133 -3.17 -22.28 9.11
C PHE A 133 -3.00 -23.79 9.13
N ARG A 134 -2.19 -24.31 10.04
CA ARG A 134 -2.00 -25.75 10.04
C ARG A 134 -3.15 -26.51 10.69
N THR A 135 -4.17 -25.84 11.25
CA THR A 135 -5.37 -26.54 11.63
C THR A 135 -6.19 -27.01 10.44
N ILE A 136 -5.89 -26.51 9.25
CA ILE A 136 -6.51 -27.02 8.03
C ILE A 136 -5.73 -28.27 7.64
N GLY A 137 -6.34 -29.43 7.80
CA GLY A 137 -5.72 -30.72 7.53
C GLY A 137 -4.86 -30.76 6.28
N ASN A 138 -3.63 -31.26 6.41
CA ASN A 138 -2.69 -31.50 5.33
C ASN A 138 -2.23 -30.23 4.64
N LEU A 139 -2.60 -29.06 5.15
CA LEU A 139 -2.17 -27.83 4.50
C LEU A 139 -0.67 -27.62 4.73
N HIS A 140 0.07 -27.38 3.64
CA HIS A 140 1.49 -27.07 3.70
C HIS A 140 1.65 -25.56 3.63
N LEU A 141 2.22 -24.96 4.66
CA LEU A 141 2.45 -23.53 4.69
C LEU A 141 3.93 -23.26 4.39
N HIS A 142 4.18 -22.44 3.37
CA HIS A 142 5.54 -22.01 3.05
C HIS A 142 5.65 -20.51 3.32
N LYS A 143 6.34 -20.17 4.41
CA LYS A 143 6.55 -18.77 4.78
C LYS A 143 7.67 -18.20 3.92
N LEU A 144 7.38 -17.12 3.21
CA LEU A 144 8.33 -16.54 2.26
C LEU A 144 8.79 -15.16 2.73
N ASP A 145 10.03 -14.85 2.38
CA ASP A 145 10.64 -13.59 2.81
C ASP A 145 9.84 -12.40 2.29
N GLU A 146 9.42 -11.55 3.22
CA GLU A 146 8.67 -10.33 2.91
C GLU A 146 9.38 -9.48 1.86
N LEU A 147 10.71 -9.36 1.96
CA LEU A 147 11.47 -8.52 1.04
C LEU A 147 11.52 -9.14 -0.33
N ASP A 148 11.87 -10.43 -0.40
CA ASP A 148 11.87 -11.14 -1.67
C ASP A 148 10.51 -11.03 -2.34
N CYS A 149 9.42 -11.16 -1.57
CA CYS A 149 8.08 -11.17 -2.15
C CYS A 149 7.69 -9.79 -2.68
N LEU A 150 7.95 -8.74 -1.91
CA LEU A 150 7.61 -7.40 -2.37
C LEU A 150 8.36 -7.05 -3.66
N VAL A 151 9.67 -7.30 -3.68
CA VAL A 151 10.46 -6.92 -4.87
C VAL A 151 10.06 -7.77 -6.07
N LYS A 152 9.96 -9.10 -5.90
CA LYS A 152 9.60 -9.93 -7.04
C LYS A 152 8.21 -9.59 -7.56
N GLY A 153 7.26 -9.34 -6.66
CA GLY A 153 5.91 -9.00 -7.09
C GLY A 153 5.84 -7.66 -7.81
N LEU A 154 6.59 -6.69 -7.32
CA LEU A 154 6.61 -5.37 -7.95
C LEU A 154 7.23 -5.43 -9.33
N LEU A 155 8.38 -6.11 -9.45
CA LEU A 155 9.03 -6.23 -10.74
C LEU A 155 8.17 -7.04 -11.70
N TYR A 156 7.50 -8.10 -11.22
CA TYR A 156 6.67 -8.92 -12.11
C TYR A 156 5.49 -8.13 -12.67
N ILE A 157 4.73 -7.46 -11.80
CA ILE A 157 3.56 -6.72 -12.28
C ILE A 157 3.98 -5.64 -13.27
N ASP A 158 5.05 -4.90 -12.97
CA ASP A 158 5.45 -3.88 -13.93
C ASP A 158 5.85 -4.53 -15.26
N SER A 159 6.49 -5.70 -15.19
CA SER A 159 6.91 -6.37 -16.41
C SER A 159 5.72 -6.80 -17.27
N VAL A 160 4.62 -7.28 -16.66
CA VAL A 160 3.50 -7.75 -17.47
C VAL A 160 2.56 -6.63 -17.90
N SER A 161 2.70 -5.44 -17.32
CA SER A 161 1.84 -4.26 -17.52
C SER A 161 0.46 -4.44 -16.89
N PHE A 162 -0.27 -3.34 -16.77
CA PHE A 162 -1.62 -3.32 -16.21
C PHE A 162 -2.56 -3.35 -17.41
N ASN A 163 -2.78 -4.56 -17.93
CA ASN A 163 -3.60 -4.75 -19.13
C ASN A 163 -3.20 -3.80 -20.25
N GLY A 164 -1.89 -3.67 -20.44
CA GLY A 164 -1.37 -2.88 -21.53
C GLY A 164 -1.06 -1.45 -21.16
N GLN A 165 -1.54 -0.98 -20.02
CA GLN A 165 -1.23 0.34 -19.48
C GLN A 165 -0.04 0.25 -18.52
N ALA A 166 0.56 1.41 -18.26
CA ALA A 166 1.66 1.44 -17.28
C ALA A 166 1.17 1.09 -15.89
N GLU A 167 1.98 0.29 -15.20
CA GLU A 167 1.75 0.03 -13.79
C GLU A 167 2.19 1.22 -12.93
N CYS A 168 3.18 1.99 -13.39
CA CYS A 168 3.81 3.04 -12.59
C CYS A 168 3.42 4.40 -13.14
N TYR A 169 3.17 5.35 -12.25
CA TYR A 169 2.79 6.69 -12.63
C TYR A 169 3.39 7.70 -11.67
N TYR A 170 3.37 8.95 -12.09
CA TYR A 170 3.84 10.05 -11.25
C TYR A 170 2.85 11.20 -11.43
N PHE A 171 2.99 12.26 -10.64
CA PHE A 171 2.15 13.44 -10.85
C PHE A 171 2.98 14.52 -11.55
N ALA A 172 2.66 14.79 -12.81
CA ALA A 172 3.36 15.79 -13.60
C ALA A 172 3.04 17.19 -13.06
N ASN A 173 4.04 18.07 -13.09
CA ASN A 173 3.93 19.45 -12.61
C ASN A 173 3.21 19.48 -11.26
N ALA A 174 3.76 18.71 -10.32
CA ALA A 174 3.14 18.53 -9.03
C ALA A 174 3.04 19.83 -8.23
N SER A 175 3.75 20.89 -8.62
CA SER A 175 3.75 22.14 -7.86
C SER A 175 2.60 23.08 -8.22
N GLU A 176 1.93 22.89 -9.35
CA GLU A 176 0.89 23.82 -9.80
C GLU A 176 -0.45 23.12 -10.03
N PRO A 177 -1.46 23.35 -9.18
CA PRO A 177 -2.65 22.49 -9.19
C PRO A 177 -3.44 22.53 -10.49
N GLU A 178 -3.52 23.68 -11.15
CA GLU A 178 -4.23 23.75 -12.42
C GLU A 178 -3.59 22.88 -13.50
N ARG A 179 -2.35 22.42 -13.29
CA ARG A 179 -1.66 21.58 -14.25
C ARG A 179 -1.40 20.17 -13.76
N CYS A 180 -1.27 19.98 -12.45
CA CYS A 180 -0.87 18.70 -11.87
C CYS A 180 -1.78 17.57 -12.35
N GLN A 181 -1.17 16.52 -12.91
CA GLN A 181 -1.94 15.40 -13.45
C GLN A 181 -1.13 14.11 -13.40
N LYS A 182 -1.83 13.02 -13.11
CA LYS A 182 -1.28 11.67 -13.18
C LYS A 182 -0.79 11.35 -14.61
N MET A 183 0.43 10.82 -14.72
CA MET A 183 1.08 10.49 -16.00
C MET A 183 1.93 9.24 -15.87
N PRO A 184 2.07 8.44 -16.92
CA PRO A 184 2.76 7.15 -16.80
C PRO A 184 4.27 7.30 -16.71
N PHE A 185 4.91 6.33 -16.04
CA PHE A 185 6.36 6.33 -15.84
C PHE A 185 6.93 4.96 -16.20
N ASN A 186 8.00 4.96 -17.00
CA ASN A 186 8.59 3.71 -17.47
C ASN A 186 9.60 3.16 -16.47
N LEU A 187 9.44 1.88 -16.11
CA LEU A 187 10.34 1.17 -15.20
C LEU A 187 11.01 -0.04 -15.86
N ASP A 188 11.26 0.04 -17.16
CA ASP A 188 11.89 -1.07 -17.86
C ASP A 188 13.28 -1.37 -17.34
N ASP A 189 14.00 -0.35 -16.89
CA ASP A 189 15.25 -0.53 -16.13
C ASP A 189 14.97 0.07 -14.76
N PRO A 190 14.54 -0.74 -13.79
CA PRO A 190 14.09 -0.19 -12.52
C PRO A 190 15.21 0.11 -11.54
N TYR A 191 16.46 -0.24 -11.86
CA TYR A 191 17.47 -0.14 -10.82
C TYR A 191 18.33 1.11 -11.00
N PRO A 192 18.68 1.82 -9.92
CA PRO A 192 18.25 1.50 -8.55
C PRO A 192 16.90 2.13 -8.21
N LEU A 193 16.29 1.70 -7.12
CA LEU A 193 14.95 2.14 -6.78
C LEU A 193 14.85 2.17 -5.27
N LEU A 194 14.27 3.25 -4.72
CA LEU A 194 13.95 3.31 -3.30
C LEU A 194 12.46 3.04 -3.15
N VAL A 195 12.10 2.00 -2.41
CA VAL A 195 10.71 1.57 -2.23
C VAL A 195 10.29 1.98 -0.82
N VAL A 196 9.23 2.78 -0.72
CA VAL A 196 8.70 3.20 0.59
C VAL A 196 7.37 2.49 0.82
N ASN A 197 7.37 1.51 1.72
CA ASN A 197 6.21 0.66 1.95
C ASN A 197 5.45 1.21 3.16
N ILE A 198 4.30 1.84 2.92
CA ILE A 198 3.54 2.50 3.96
C ILE A 198 2.38 1.59 4.31
N GLY A 199 2.57 0.79 5.37
CA GLY A 199 1.55 -0.10 5.89
C GLY A 199 1.11 0.38 7.28
N SER A 200 1.03 -0.53 8.25
CA SER A 200 0.84 -0.12 9.64
C SER A 200 1.95 0.84 10.06
N GLY A 201 3.20 0.45 9.79
CA GLY A 201 4.37 1.27 9.89
C GLY A 201 4.94 1.57 8.53
N VAL A 202 6.21 1.96 8.48
CA VAL A 202 6.86 2.27 7.20
C VAL A 202 8.20 1.55 7.13
N SER A 203 8.44 0.83 6.03
CA SER A 203 9.73 0.24 5.72
C SER A 203 10.28 0.93 4.48
N ILE A 204 11.58 1.20 4.48
CA ILE A 204 12.25 1.81 3.34
C ILE A 204 13.26 0.81 2.80
N LEU A 205 13.13 0.46 1.53
CA LEU A 205 13.95 -0.56 0.88
C LEU A 205 14.78 0.10 -0.20
N ALA A 206 16.03 -0.35 -0.33
CA ALA A 206 16.89 0.05 -1.44
C ALA A 206 17.06 -1.15 -2.38
N VAL A 207 16.70 -0.97 -3.65
CA VAL A 207 16.75 -2.08 -4.60
C VAL A 207 17.79 -1.70 -5.64
N HIS A 208 18.93 -2.38 -5.59
CA HIS A 208 20.03 -2.08 -6.50
C HIS A 208 20.09 -3.00 -7.70
N SER A 209 19.66 -4.25 -7.56
CA SER A 209 19.62 -5.26 -8.62
C SER A 209 18.47 -6.20 -8.30
N LYS A 210 18.16 -7.10 -9.24
CA LYS A 210 17.16 -8.12 -8.97
C LYS A 210 17.60 -9.05 -7.85
N ASP A 211 18.90 -9.10 -7.56
CA ASP A 211 19.44 -9.94 -6.52
C ASP A 211 19.99 -9.15 -5.33
N ASN A 212 20.07 -7.83 -5.42
CA ASN A 212 20.73 -6.98 -4.43
C ASN A 212 19.75 -5.92 -3.93
N TYR A 213 19.14 -6.16 -2.78
CA TYR A 213 18.20 -5.23 -2.19
C TYR A 213 18.21 -5.43 -0.70
N LYS A 214 17.80 -4.41 0.03
CA LYS A 214 17.92 -4.44 1.48
C LYS A 214 16.89 -3.52 2.09
N ARG A 215 16.55 -3.80 3.35
CA ARG A 215 15.75 -2.86 4.13
C ARG A 215 16.71 -1.83 4.74
N VAL A 216 16.55 -0.57 4.34
CA VAL A 216 17.45 0.51 4.78
C VAL A 216 17.17 0.89 6.24
N THR A 217 15.93 1.24 6.51
CA THR A 217 15.43 1.59 7.83
C THR A 217 13.91 1.56 7.76
N GLY A 218 13.26 2.13 8.77
CA GLY A 218 11.81 2.25 8.78
C GLY A 218 11.42 3.36 9.73
N THR A 219 10.14 3.69 9.74
CA THR A 219 9.62 4.59 10.77
C THR A 219 8.31 4.02 11.27
N SER A 220 8.06 4.19 12.56
CA SER A 220 6.80 3.71 13.10
C SER A 220 5.64 4.70 12.91
N LEU A 221 5.87 5.85 12.28
CA LEU A 221 4.77 6.77 12.01
C LEU A 221 4.20 6.44 10.64
N GLY A 222 3.27 5.50 10.61
CA GLY A 222 2.75 5.01 9.33
C GLY A 222 1.24 5.10 9.22
N GLY A 223 0.64 4.24 8.38
CA GLY A 223 -0.80 4.31 8.21
C GLY A 223 -1.58 3.96 9.45
N GLY A 224 -1.00 3.11 10.32
CA GLY A 224 -1.68 2.81 11.58
C GLY A 224 -1.67 3.98 12.55
N THR A 225 -0.65 4.84 12.44
CA THR A 225 -0.61 6.09 13.20
C THR A 225 -1.67 7.07 12.70
N PHE A 226 -1.79 7.20 11.38
CA PHE A 226 -2.87 8.03 10.85
C PHE A 226 -4.21 7.54 11.37
N LEU A 227 -4.49 6.25 11.19
CA LEU A 227 -5.81 5.72 11.51
C LEU A 227 -6.04 5.74 13.03
N GLY A 228 -5.05 5.34 13.81
CA GLY A 228 -5.21 5.31 15.26
C GLY A 228 -5.39 6.70 15.84
N LEU A 229 -4.53 7.65 15.45
CA LEU A 229 -4.64 9.00 16.04
C LEU A 229 -5.91 9.68 15.58
N CYS A 230 -6.24 9.52 14.31
CA CYS A 230 -7.48 10.14 13.78
C CYS A 230 -8.69 9.60 14.55
N SER A 231 -8.73 8.27 14.80
CA SER A 231 -9.85 7.70 15.54
C SER A 231 -9.93 8.27 16.95
N LEU A 232 -8.79 8.41 17.62
CA LEU A 232 -8.79 8.99 18.96
C LEU A 232 -9.27 10.45 18.94
N LEU A 233 -8.82 11.22 17.94
CA LEU A 233 -9.08 12.65 17.90
C LEU A 233 -10.46 13.00 17.38
N THR A 234 -11.04 12.16 16.50
CA THR A 234 -12.28 12.49 15.82
C THR A 234 -13.41 11.50 16.03
N GLY A 235 -13.12 10.29 16.50
CA GLY A 235 -14.16 9.28 16.60
C GLY A 235 -14.54 8.61 15.29
N CYS A 236 -13.81 8.87 14.21
CA CYS A 236 -14.07 8.17 12.96
C CYS A 236 -13.92 6.66 13.16
N GLU A 237 -14.73 5.89 12.43
CA GLU A 237 -14.67 4.44 12.63
C GLU A 237 -14.27 3.69 11.37
N SER A 238 -13.63 4.34 10.42
CA SER A 238 -13.07 3.64 9.27
C SER A 238 -12.00 4.52 8.65
N PHE A 239 -11.07 3.88 7.95
CA PHE A 239 -10.10 4.58 7.12
C PHE A 239 -10.82 5.54 6.18
N GLU A 240 -11.87 5.06 5.50
CA GLU A 240 -12.51 5.90 4.52
C GLU A 240 -13.15 7.12 5.15
N GLU A 241 -13.76 6.96 6.33
CA GLU A 241 -14.34 8.12 7.01
C GLU A 241 -13.24 9.10 7.45
N ALA A 242 -12.08 8.59 7.87
CA ALA A 242 -10.97 9.46 8.26
C ALA A 242 -10.52 10.33 7.08
N LEU A 243 -10.45 9.73 5.88
CA LEU A 243 -10.08 10.47 4.67
C LEU A 243 -11.15 11.50 4.30
N GLU A 244 -12.43 11.11 4.41
CA GLU A 244 -13.52 12.03 4.12
C GLU A 244 -13.48 13.25 5.05
N MET A 245 -13.23 13.03 6.34
CA MET A 245 -13.08 14.15 7.26
C MET A 245 -11.90 15.03 6.86
N ALA A 246 -10.76 14.41 6.55
CA ALA A 246 -9.55 15.17 6.24
C ALA A 246 -9.75 16.02 4.99
N SER A 247 -10.54 15.50 4.04
CA SER A 247 -10.77 16.27 2.82
C SER A 247 -11.52 17.58 3.09
N LYS A 248 -12.25 17.68 4.20
CA LYS A 248 -13.02 18.87 4.50
C LYS A 248 -12.30 19.81 5.47
N GLY A 249 -11.15 19.41 5.99
CA GLY A 249 -10.51 20.13 7.06
C GLY A 249 -9.45 21.13 6.59
N ASP A 250 -8.96 21.91 7.55
CA ASP A 250 -7.88 22.86 7.36
C ASP A 250 -6.81 22.54 8.40
N SER A 251 -5.70 21.95 7.98
CA SER A 251 -4.68 21.53 8.94
C SER A 251 -4.03 22.73 9.61
N THR A 252 -4.09 23.91 8.99
CA THR A 252 -3.42 25.06 9.59
C THR A 252 -4.14 25.57 10.84
N GLN A 253 -5.36 25.08 11.11
CA GLN A 253 -6.04 25.39 12.37
C GLN A 253 -5.36 24.67 13.54
N ALA A 254 -4.70 23.54 13.28
CA ALA A 254 -4.02 22.81 14.35
C ALA A 254 -2.52 23.00 14.32
N ASP A 255 -1.93 23.11 13.13
CA ASP A 255 -0.48 23.23 12.98
C ASP A 255 0.00 24.66 13.16
N LYS A 256 1.21 24.81 13.71
CA LYS A 256 1.88 26.11 13.79
C LYS A 256 2.84 26.20 12.60
N LEU A 257 2.69 27.26 11.80
CA LEU A 257 3.46 27.42 10.58
C LEU A 257 4.65 28.36 10.79
N VAL A 258 5.57 28.34 9.83
CA VAL A 258 6.72 29.25 9.89
C VAL A 258 6.26 30.69 10.00
N ARG A 259 5.22 31.07 9.24
CA ARG A 259 4.75 32.44 9.37
C ARG A 259 4.12 32.73 10.74
N ASP A 260 3.69 31.70 11.48
CA ASP A 260 3.19 31.98 12.83
C ASP A 260 4.32 32.34 13.78
N ILE A 261 5.52 31.84 13.51
CA ILE A 261 6.66 32.09 14.38
C ILE A 261 7.43 33.33 13.96
N TYR A 262 7.61 33.51 12.64
CA TYR A 262 8.42 34.60 12.09
C TYR A 262 7.60 35.81 11.64
N GLY A 263 6.30 35.65 11.40
CA GLY A 263 5.52 36.68 10.75
C GLY A 263 5.52 36.60 9.24
N GLY A 264 6.22 35.63 8.66
CA GLY A 264 6.37 35.56 7.22
C GLY A 264 7.34 34.45 6.87
N ASP A 265 7.89 34.52 5.66
CA ASP A 265 8.90 33.54 5.26
C ASP A 265 10.16 33.71 6.10
N TYR A 266 10.95 32.65 6.19
CA TYR A 266 12.28 32.69 6.78
C TYR A 266 13.30 32.37 5.68
N GLU A 267 13.52 33.36 4.81
CA GLU A 267 14.30 33.12 3.60
C GLU A 267 15.75 32.78 3.88
N ARG A 268 16.31 33.30 4.99
CA ARG A 268 17.65 32.91 5.43
C ARG A 268 17.87 31.40 5.33
N PHE A 269 16.86 30.60 5.72
CA PHE A 269 16.99 29.15 5.63
C PHE A 269 16.09 28.53 4.57
N GLY A 270 15.55 29.33 3.66
CA GLY A 270 14.77 28.77 2.58
C GLY A 270 13.45 28.19 3.00
N LEU A 271 12.89 28.66 4.12
CA LEU A 271 11.64 28.10 4.61
C LEU A 271 10.49 29.01 4.21
N PRO A 272 9.54 28.55 3.40
CA PRO A 272 8.41 29.43 3.08
C PRO A 272 7.50 29.58 4.29
N GLY A 273 6.77 30.71 4.34
CA GLY A 273 5.88 30.95 5.46
C GLY A 273 4.83 29.86 5.66
N TRP A 274 4.50 29.12 4.59
CA TRP A 274 3.47 28.09 4.69
C TRP A 274 3.96 26.77 5.23
N ALA A 275 5.27 26.59 5.37
CA ALA A 275 5.82 25.33 5.87
C ALA A 275 5.38 25.10 7.31
N VAL A 276 5.12 23.84 7.65
CA VAL A 276 4.72 23.52 9.02
C VAL A 276 5.96 23.54 9.90
N ALA A 277 5.95 24.39 10.92
CA ALA A 277 7.05 24.42 11.88
C ALA A 277 6.80 23.46 13.04
N SER A 278 5.55 23.30 13.46
CA SER A 278 5.25 22.40 14.57
C SER A 278 3.89 21.77 14.31
N SER A 279 3.88 20.47 13.99
CA SER A 279 2.62 19.76 13.78
C SER A 279 1.81 19.73 15.06
N PHE A 280 0.51 20.02 14.95
CA PHE A 280 -0.36 20.20 16.12
C PHE A 280 0.15 21.27 17.08
N GLY A 281 1.06 22.15 16.66
CA GLY A 281 1.68 23.07 17.61
C GLY A 281 0.74 24.17 18.10
N ASN A 282 -0.31 24.49 17.34
CA ASN A 282 -1.28 25.46 17.83
C ASN A 282 -2.21 24.85 18.87
N MET A 283 -2.14 23.54 19.06
CA MET A 283 -3.00 22.91 20.04
C MET A 283 -2.46 23.01 21.46
N ILE A 284 -1.35 23.72 21.67
CA ILE A 284 -0.92 24.02 23.04
C ILE A 284 -1.77 25.10 23.68
N TYR A 285 -2.62 25.78 22.92
CA TYR A 285 -3.43 26.87 23.43
C TYR A 285 -4.86 26.35 23.64
N LYS A 286 -5.37 26.50 24.86
CA LYS A 286 -6.65 25.87 25.18
C LYS A 286 -7.78 26.42 24.31
N GLU A 287 -7.77 27.73 24.03
CA GLU A 287 -8.84 28.29 23.23
C GLU A 287 -8.81 27.74 21.81
N LYS A 288 -7.63 27.38 21.31
CA LYS A 288 -7.56 26.79 19.98
C LYS A 288 -8.01 25.34 19.97
N ARG A 289 -7.70 24.59 21.03
CA ARG A 289 -8.24 23.24 21.17
C ARG A 289 -9.76 23.25 21.25
N GLU A 290 -10.34 24.31 21.81
CA GLU A 290 -11.79 24.39 21.93
C GLU A 290 -12.49 24.81 20.63
N SER A 291 -11.78 25.35 19.65
CA SER A 291 -12.41 25.80 18.42
C SER A 291 -12.13 24.91 17.22
N VAL A 292 -11.14 24.04 17.28
CA VAL A 292 -10.74 23.24 16.12
C VAL A 292 -11.82 22.18 15.84
N SER A 293 -12.04 21.89 14.56
CA SER A 293 -13.05 20.91 14.21
C SER A 293 -12.40 19.52 14.12
N LYS A 294 -13.24 18.47 14.16
CA LYS A 294 -12.74 17.13 13.87
C LYS A 294 -12.12 17.06 12.47
N GLU A 295 -12.75 17.71 11.50
CA GLU A 295 -12.20 17.66 10.15
C GLU A 295 -10.82 18.29 10.09
N ASP A 296 -10.62 19.40 10.82
CA ASP A 296 -9.29 20.04 10.89
C ASP A 296 -8.28 19.06 11.50
N LEU A 297 -8.65 18.37 12.59
CA LEU A 297 -7.75 17.42 13.23
C LEU A 297 -7.42 16.25 12.31
N ALA A 298 -8.41 15.76 11.55
CA ALA A 298 -8.15 14.66 10.65
C ALA A 298 -7.14 15.08 9.59
N ARG A 299 -7.33 16.28 9.02
CA ARG A 299 -6.41 16.75 7.98
C ARG A 299 -5.03 16.99 8.55
N ALA A 300 -4.93 17.55 9.77
CA ALA A 300 -3.61 17.73 10.36
C ALA A 300 -2.91 16.39 10.60
N THR A 301 -3.68 15.36 11.00
CA THR A 301 -3.07 14.05 11.21
C THR A 301 -2.52 13.51 9.88
N LEU A 302 -3.33 13.62 8.81
CA LEU A 302 -2.89 13.12 7.50
C LEU A 302 -1.65 13.87 7.03
N VAL A 303 -1.64 15.21 7.17
CA VAL A 303 -0.51 16.03 6.73
C VAL A 303 0.73 15.70 7.54
N THR A 304 0.58 15.57 8.86
CA THR A 304 1.72 15.28 9.71
C THR A 304 2.39 13.96 9.31
N ILE A 305 1.57 12.91 9.14
CA ILE A 305 2.12 11.59 8.86
C ILE A 305 2.73 11.57 7.46
N THR A 306 2.02 12.16 6.50
CA THR A 306 2.48 12.13 5.11
C THR A 306 3.76 12.92 4.93
N ASN A 307 3.83 14.12 5.49
CA ASN A 307 5.05 14.91 5.38
C ASN A 307 6.24 14.21 6.03
N ASN A 308 6.03 13.59 7.18
CA ASN A 308 7.14 12.91 7.86
C ASN A 308 7.65 11.75 7.04
N ILE A 309 6.73 11.01 6.40
CA ILE A 309 7.13 9.91 5.51
C ILE A 309 7.93 10.44 4.34
N GLY A 310 7.47 11.55 3.74
CA GLY A 310 8.21 12.15 2.63
C GLY A 310 9.61 12.56 3.03
N SER A 311 9.74 13.16 4.21
CA SER A 311 11.03 13.65 4.66
C SER A 311 11.98 12.48 4.94
N VAL A 312 11.50 11.45 5.63
CA VAL A 312 12.33 10.25 5.84
C VAL A 312 12.74 9.62 4.50
N ALA A 313 11.79 9.54 3.56
CA ALA A 313 12.13 9.03 2.23
C ALA A 313 13.22 9.86 1.57
N ARG A 314 13.13 11.20 1.66
CA ARG A 314 14.14 12.05 1.04
C ARG A 314 15.51 11.82 1.67
N MET A 315 15.57 11.77 3.00
CA MET A 315 16.85 11.56 3.66
C MET A 315 17.47 10.22 3.26
N CYS A 316 16.67 9.16 3.17
CA CYS A 316 17.19 7.85 2.76
C CYS A 316 17.65 7.86 1.30
N ALA A 317 16.87 8.51 0.42
CA ALA A 317 17.27 8.61 -0.97
C ALA A 317 18.61 9.32 -1.09
N VAL A 318 18.80 10.40 -0.33
CA VAL A 318 20.09 11.08 -0.39
C VAL A 318 21.21 10.17 0.11
N ASN A 319 20.93 9.38 1.16
CA ASN A 319 22.00 8.53 1.68
C ASN A 319 22.30 7.37 0.75
N GLU A 320 21.29 6.80 0.10
CA GLU A 320 21.48 5.69 -0.82
C GLU A 320 21.90 6.12 -2.22
N LYS A 321 21.88 7.42 -2.50
CA LYS A 321 22.20 7.96 -3.83
C LYS A 321 21.23 7.41 -4.88
N ILE A 322 19.94 7.46 -4.56
CA ILE A 322 18.88 6.97 -5.45
C ILE A 322 17.90 8.13 -5.68
N ASN A 323 17.53 8.39 -6.96
CA ASN A 323 16.64 9.53 -7.17
C ASN A 323 15.19 9.14 -7.49
N ARG A 324 14.88 7.87 -7.70
CA ARG A 324 13.50 7.43 -7.94
C ARG A 324 12.95 6.81 -6.65
N VAL A 325 11.88 7.38 -6.13
CA VAL A 325 11.27 6.93 -4.88
C VAL A 325 9.86 6.46 -5.18
N VAL A 326 9.60 5.17 -5.02
CA VAL A 326 8.28 4.60 -5.31
C VAL A 326 7.59 4.26 -3.98
N PHE A 327 6.32 4.66 -3.87
CA PHE A 327 5.55 4.48 -2.64
C PHE A 327 4.55 3.34 -2.84
N VAL A 328 4.53 2.38 -1.91
CA VAL A 328 3.60 1.25 -1.96
C VAL A 328 2.88 1.15 -0.60
N GLY A 329 2.05 0.12 -0.47
CA GLY A 329 1.29 -0.09 0.76
C GLY A 329 -0.16 0.28 0.50
N ASN A 330 -0.98 0.22 1.56
CA ASN A 330 -2.38 0.62 1.40
C ASN A 330 -2.72 1.93 2.09
N PHE A 331 -1.75 2.57 2.78
CA PHE A 331 -2.01 3.92 3.26
C PHE A 331 -2.44 4.84 2.13
N LEU A 332 -1.96 4.60 0.91
CA LEU A 332 -2.28 5.47 -0.21
C LEU A 332 -3.50 5.01 -1.03
N ARG A 333 -4.17 3.92 -0.67
CA ARG A 333 -5.34 3.54 -1.46
C ARG A 333 -6.47 4.54 -1.21
N VAL A 334 -7.19 4.86 -2.29
CA VAL A 334 -8.21 5.90 -2.39
C VAL A 334 -7.80 7.16 -1.64
N ASN A 335 -6.49 7.46 -1.63
CA ASN A 335 -5.94 8.58 -0.84
C ASN A 335 -5.16 9.52 -1.75
N THR A 336 -5.88 10.26 -2.59
CA THR A 336 -5.12 11.13 -3.51
C THR A 336 -4.55 12.35 -2.80
N LEU A 337 -5.11 12.75 -1.65
CA LEU A 337 -4.54 13.86 -0.90
C LEU A 337 -3.11 13.54 -0.50
N SER A 338 -2.89 12.36 0.08
CA SER A 338 -1.54 12.00 0.50
C SER A 338 -0.62 11.81 -0.70
N MET A 339 -1.12 11.21 -1.79
CA MET A 339 -0.25 11.03 -2.95
C MET A 339 0.22 12.38 -3.49
N LYS A 340 -0.70 13.34 -3.63
CA LYS A 340 -0.32 14.63 -4.18
C LYS A 340 0.57 15.40 -3.22
N LEU A 341 0.36 15.23 -1.91
CA LEU A 341 1.27 15.87 -0.96
C LEU A 341 2.68 15.29 -1.07
N LEU A 342 2.81 13.97 -1.24
CA LEU A 342 4.13 13.38 -1.42
C LEU A 342 4.79 13.86 -2.69
N ALA A 343 4.02 13.91 -3.78
CA ALA A 343 4.56 14.33 -5.06
C ALA A 343 5.06 15.77 -5.02
N TYR A 344 4.26 16.66 -4.41
CA TYR A 344 4.66 18.05 -4.31
C TYR A 344 5.85 18.21 -3.36
N ALA A 345 5.82 17.51 -2.24
CA ALA A 345 6.83 17.72 -1.21
C ALA A 345 8.18 17.17 -1.64
N LEU A 346 8.21 15.95 -2.20
CA LEU A 346 9.50 15.41 -2.64
C LEU A 346 10.13 16.30 -3.71
N ASP A 347 9.33 16.78 -4.66
CA ASP A 347 9.86 17.65 -5.71
C ASP A 347 10.28 19.00 -5.13
N TYR A 348 9.46 19.57 -4.24
CA TYR A 348 9.78 20.90 -3.74
C TYR A 348 11.03 20.88 -2.88
N TRP A 349 11.07 20.01 -1.87
CA TRP A 349 12.18 20.06 -0.92
C TRP A 349 13.46 19.44 -1.50
N SER A 350 13.38 18.63 -2.55
CA SER A 350 14.58 18.15 -3.20
C SER A 350 15.06 19.06 -4.31
N LYS A 351 14.46 20.25 -4.45
CA LYS A 351 14.75 21.13 -5.57
C LYS A 351 14.67 20.38 -6.90
N GLY A 352 13.77 19.40 -6.98
CA GLY A 352 13.56 18.68 -8.22
C GLY A 352 14.52 17.52 -8.44
N GLN A 353 15.32 17.15 -7.45
CA GLN A 353 16.26 16.05 -7.61
C GLN A 353 15.60 14.69 -7.44
N LEU A 354 14.50 14.61 -6.70
CA LEU A 354 13.83 13.35 -6.43
C LEU A 354 12.44 13.38 -7.06
N LYS A 355 12.00 12.21 -7.53
CA LYS A 355 10.68 12.06 -8.14
C LYS A 355 9.88 11.04 -7.35
N ALA A 356 8.69 11.43 -6.90
CA ALA A 356 7.75 10.50 -6.29
C ALA A 356 7.03 9.66 -7.34
N LEU A 357 7.07 8.33 -7.19
CA LEU A 357 6.42 7.41 -8.11
C LEU A 357 5.39 6.58 -7.36
N PHE A 358 4.33 6.18 -8.09
CA PHE A 358 3.23 5.42 -7.48
C PHE A 358 2.92 4.24 -8.38
N LEU A 359 2.26 3.21 -7.82
CA LEU A 359 1.97 1.99 -8.56
C LEU A 359 0.51 1.61 -8.37
N GLU A 360 -0.14 1.22 -9.49
CA GLU A 360 -1.57 0.89 -9.41
C GLU A 360 -1.84 -0.27 -8.45
N HIS A 361 -0.95 -1.25 -8.35
CA HIS A 361 -1.18 -2.42 -7.54
C HIS A 361 -0.46 -2.35 -6.20
N GLU A 362 -0.34 -1.13 -5.65
CA GLU A 362 0.59 -0.86 -4.54
C GLU A 362 0.34 -1.72 -3.30
N GLY A 363 -0.90 -2.08 -3.03
CA GLY A 363 -1.08 -2.85 -1.80
C GLY A 363 -0.78 -4.35 -1.90
N TYR A 364 -0.60 -4.87 -3.12
CA TYR A 364 -0.69 -6.30 -3.37
C TYR A 364 0.63 -6.97 -3.75
N PHE A 365 1.75 -6.24 -3.75
CA PHE A 365 2.96 -6.81 -4.34
C PHE A 365 3.49 -8.00 -3.54
N GLY A 366 3.43 -7.93 -2.21
CA GLY A 366 3.81 -9.09 -1.41
C GLY A 366 3.00 -10.32 -1.74
N ALA A 367 1.68 -10.17 -1.87
CA ALA A 367 0.83 -11.32 -2.19
C ALA A 367 1.18 -11.91 -3.56
N VAL A 368 1.48 -11.06 -4.53
CA VAL A 368 1.87 -11.57 -5.85
C VAL A 368 3.22 -12.29 -5.74
N GLY A 369 4.18 -11.68 -5.04
CA GLY A 369 5.48 -12.34 -4.92
C GLY A 369 5.37 -13.69 -4.24
N ALA A 370 4.50 -13.79 -3.23
CA ALA A 370 4.25 -15.08 -2.59
C ALA A 370 3.74 -16.10 -3.59
N LEU A 371 2.73 -15.71 -4.38
CA LEU A 371 2.20 -16.59 -5.43
C LEU A 371 3.28 -17.06 -6.38
N LEU A 372 4.22 -16.18 -6.72
CA LEU A 372 5.28 -16.51 -7.66
C LEU A 372 6.29 -17.50 -7.08
N GLY A 373 6.29 -17.71 -5.77
CA GLY A 373 7.13 -18.73 -5.15
C GLY A 373 6.59 -20.14 -5.26
N LEU A 374 5.38 -20.31 -5.80
CA LEU A 374 4.76 -21.63 -5.86
C LEU A 374 5.60 -22.67 -6.57
N PRO A 375 6.28 -22.40 -7.69
CA PRO A 375 7.01 -23.48 -8.37
C PRO A 375 8.14 -24.08 -7.56
N ASN A 376 8.69 -23.35 -6.61
CA ASN A 376 9.81 -23.89 -5.84
C ASN A 376 9.35 -24.86 -4.76
N PHE A 377 8.11 -25.33 -4.82
CA PHE A 377 7.59 -26.28 -3.85
C PHE A 377 6.84 -27.41 -4.56
C02 A1A1N B . 11.71 0.63 12.28
C04 A1A1N B . 14.03 0.97 13.02
C05 A1A1N B . 14.57 2.40 13.15
C07 A1A1N B . 14.96 4.05 15.06
C10 A1A1N B . 16.59 5.74 16.24
C12 A1A1N B . 15.37 5.51 16.88
C13 A1A1N B . 14.49 4.59 16.26
C14 A1A1N B . 12.72 2.91 14.85
C15 A1A1N B . 12.23 1.52 14.51
C16 A1A1N B . 10.26 0.79 12.66
C17 A1A1N B . 9.35 -0.25 12.03
C18 A1A1N B . 9.40 -1.55 12.52
C20 A1A1N B . 8.57 -2.52 11.96
C21 A1A1N B . 7.74 -2.14 10.93
C24 A1A1N B . 8.67 -5.17 9.69
C25 A1A1N B . 8.61 -4.63 8.28
C28 A1A1N B . 7.71 -0.84 10.44
C29 A1A1N B . 8.53 0.13 10.99
F19 A1A1N B . 10.23 -1.88 13.54
N03 A1A1N B . 12.65 1.04 13.26
N06 A1A1N B . 14.13 3.10 14.40
N08 A1A1N B . 16.12 4.32 14.52
N09 A1A1N B . 16.95 5.18 15.12
N22 A1A1N B . 6.84 -3.09 10.30
O01 A1A1N B . 12.09 0.20 11.24
O26 A1A1N B . 5.97 -5.33 9.68
O27 A1A1N B . 7.12 -5.22 11.84
S23 A1A1N B . 7.08 -4.77 10.46
CL11 A1A1N B . 17.75 6.83 16.98
C ACY C . 3.19 -4.63 -0.73
O ACY C . 3.66 -5.75 -0.36
OXT ACY C . 2.73 -4.28 -1.89
CH3 ACY C . 3.17 -3.50 0.33
PG ANP D . 2.28 -4.07 8.04
O1G ANP D . 3.09 -3.06 8.80
O2G ANP D . 2.37 -5.37 8.80
O3G ANP D . 2.82 -4.27 6.65
PB ANP D . -0.16 -4.02 6.68
O1B ANP D . -1.51 -4.54 7.09
O2B ANP D . 0.53 -5.03 5.80
N3B ANP D . 0.71 -3.61 8.02
PA ANP D . -1.10 -2.28 4.47
O1A ANP D . -0.14 -2.14 3.33
O2A ANP D . -2.13 -3.30 4.15
O3A ANP D . -0.30 -2.70 5.79
O5' ANP D . -1.80 -0.86 4.76
C5' ANP D . -2.37 -0.55 6.02
C4' ANP D . -2.83 0.91 6.01
O4' ANP D . -3.63 1.15 4.85
C3' ANP D . -3.74 1.18 7.21
O3' ANP D . -2.97 1.57 8.34
C2' ANP D . -4.60 2.35 6.68
O2' ANP D . -3.94 3.60 6.91
C1' ANP D . -4.69 2.05 5.15
N9 ANP D . -5.96 1.42 4.77
C8 ANP D . -6.47 1.42 3.52
N7 ANP D . -7.64 0.77 3.49
C5 ANP D . -7.88 0.31 4.73
C6 ANP D . -8.95 -0.43 5.29
N6 ANP D . -9.99 -0.84 4.50
N1 ANP D . -8.93 -0.74 6.59
C2 ANP D . -7.89 -0.32 7.30
N3 ANP D . -6.87 0.37 6.86
C4 ANP D . -6.83 0.72 5.58
MG MG E . 2.44 -5.10 4.76
C1 EDO F . -11.92 -4.25 3.72
O1 EDO F . -12.13 -3.06 4.50
C2 EDO F . -10.46 -4.65 3.85
O2 EDO F . -9.60 -3.64 3.30
C1 EDO G . -0.89 22.89 26.97
O1 EDO G . -0.14 24.11 27.08
C2 EDO G . -2.18 22.95 27.81
O2 EDO G . -2.94 24.17 27.63
#